data_2OZG
#
_entry.id   2OZG
#
_cell.length_a   174.965
_cell.length_b   174.965
_cell.length_c   71.888
_cell.angle_alpha   90.000
_cell.angle_beta   90.000
_cell.angle_gamma   120.000
#
_symmetry.space_group_name_H-M   'H 3 2'
#
loop_
_entity.id
_entity.type
_entity.pdbx_description
1 polymer 'GCN5-related N-acetyltransferase'
2 non-polymer 'ACETATE ION'
3 non-polymer 'COENZYME A'
4 non-polymer DI(HYDROXYETHYL)ETHER
5 water water
#
_entity_poly.entity_id   1
_entity_poly.type   'polypeptide(L)'
_entity_poly.pdbx_seq_one_letter_code
;G(MSE)VEP(MSE)TPRFKYTKASQENIQQLGNILEQCFV(MSE)SFGDSEIYVKGIGLENFRVIYREQKVAGGLAILP
(MSE)GQWWGGQRVP(MSE)AGIAAVGIAPEYRGDGAAIALIQHTLQEISEQDIPISVLYPATQRLYRKAGYEQAGSSCV
WEIPTDSIQIQHASLPLEPVVLKNNPIFHELYQQQAQLTHGYLDRHPAIWQGLNRTLDTETLYSYLIGDKDKPQGYIIFT
QERTRDGSILRIRDWVTLSNPAVQSFWTFIANHRSQIDKVTWKSSVIDALTLLLPEQSATIRSQDRW(MSE)LRIVNVCK
ALEARGYPLGVEAELHLEVQDDLLATNQGKFILSVANGKSEVTKGGKGELQLDIKGLASLYTSLFTPRQLQLTGKLQATE
TALLKATQIFAGESPW(MSE)IDFF
;
_entity_poly.pdbx_strand_id   A
#
loop_
_chem_comp.id
_chem_comp.type
_chem_comp.name
_chem_comp.formula
ACT non-polymer 'ACETATE ION' 'C2 H3 O2 -1'
COA non-polymer 'COENZYME A' 'C21 H36 N7 O16 P3 S'
PEG non-polymer DI(HYDROXYETHYL)ETHER 'C4 H10 O3'
#
# COMPACT_ATOMS: atom_id res chain seq x y z
N ARG A 9 16.15 -25.39 -13.36
CA ARG A 9 15.17 -25.03 -14.45
C ARG A 9 14.91 -23.50 -14.52
N PHE A 10 14.55 -22.92 -13.38
CA PHE A 10 14.38 -21.47 -13.27
C PHE A 10 15.53 -20.93 -12.47
N LYS A 11 16.22 -19.92 -12.99
CA LYS A 11 17.32 -19.30 -12.29
C LYS A 11 16.87 -17.86 -12.01
N TYR A 12 17.08 -17.42 -10.77
CA TYR A 12 16.69 -16.07 -10.31
C TYR A 12 17.92 -15.19 -10.22
N THR A 13 17.91 -13.97 -10.77
CA THR A 13 19.09 -13.11 -10.73
C THR A 13 18.73 -11.62 -10.62
N LYS A 14 19.70 -10.78 -10.34
CA LYS A 14 19.42 -9.35 -10.35
C LYS A 14 19.42 -8.95 -11.82
N ALA A 15 18.63 -7.94 -12.20
CA ALA A 15 18.67 -7.47 -13.59
C ALA A 15 20.04 -6.83 -13.81
N SER A 16 20.51 -6.84 -15.06
CA SER A 16 21.80 -6.30 -15.47
C SER A 16 21.59 -5.66 -16.83
N GLN A 17 22.61 -4.97 -17.30
CA GLN A 17 22.57 -4.36 -18.61
C GLN A 17 22.36 -5.42 -19.66
N GLU A 18 22.70 -6.66 -19.35
CA GLU A 18 22.62 -7.74 -20.31
C GLU A 18 21.19 -8.19 -20.54
N ASN A 19 20.32 -7.99 -19.56
CA ASN A 19 18.95 -8.46 -19.70
C ASN A 19 17.83 -7.44 -19.43
N ILE A 20 18.13 -6.20 -19.06
CA ILE A 20 17.06 -5.22 -18.69
C ILE A 20 16.17 -4.77 -19.87
N GLN A 21 16.70 -4.78 -21.06
CA GLN A 21 15.86 -4.45 -22.22
C GLN A 21 14.85 -5.53 -22.54
N GLN A 22 15.29 -6.80 -22.48
CA GLN A 22 14.41 -7.91 -22.70
C GLN A 22 13.37 -7.83 -21.64
N LEU A 23 13.74 -7.64 -20.37
CA LEU A 23 12.71 -7.60 -19.31
C LEU A 23 11.75 -6.45 -19.58
N GLY A 24 12.28 -5.30 -19.93
CA GLY A 24 11.47 -4.12 -20.22
C GLY A 24 10.46 -4.40 -21.29
N ASN A 25 10.87 -5.15 -22.32
CA ASN A 25 9.96 -5.61 -23.38
C ASN A 25 8.90 -6.54 -22.84
N ILE A 26 9.31 -7.46 -21.98
CA ILE A 26 8.34 -8.39 -21.40
C ILE A 26 7.34 -7.60 -20.57
N LEU A 27 7.84 -6.63 -19.80
CA LEU A 27 6.96 -5.78 -18.97
C LEU A 27 5.99 -4.96 -19.83
N GLU A 28 6.45 -4.40 -20.95
CA GLU A 28 5.54 -3.70 -21.87
C GLU A 28 4.39 -4.58 -22.38
N GLN A 29 4.73 -5.81 -22.69
CA GLN A 29 3.76 -6.76 -23.16
C GLN A 29 2.80 -7.12 -22.05
N CYS A 30 3.34 -7.55 -20.93
CA CYS A 30 2.52 -7.94 -19.80
C CYS A 30 1.50 -6.91 -19.36
N PHE A 31 1.94 -5.67 -19.22
CA PHE A 31 1.09 -4.62 -18.75
C PHE A 31 0.43 -3.76 -19.80
N VAL A 32 0.58 -4.15 -21.07
CA VAL A 32 -0.02 -3.47 -22.21
C VAL A 32 0.38 -2.01 -22.21
N MSE A 33 1.69 -1.75 -22.15
CA MSE A 33 2.19 -0.40 -22.13
C MSE A 33 2.44 0.06 -23.53
O MSE A 33 2.81 -0.70 -24.41
CB MSE A 33 3.49 -0.36 -21.32
CG MSE A 33 3.35 -0.85 -19.90
SE MSE A 33 5.06 -0.95 -18.92
CE MSE A 33 5.13 0.95 -18.42
N SER A 34 2.23 1.34 -23.77
CA SER A 34 2.50 1.86 -25.12
C SER A 34 3.99 1.62 -25.43
N PHE A 35 4.30 1.49 -26.72
CA PHE A 35 5.70 1.26 -27.12
C PHE A 35 6.72 2.23 -26.44
N GLY A 36 7.73 1.64 -25.82
CA GLY A 36 8.79 2.36 -25.09
C GLY A 36 8.47 3.01 -23.75
N ASP A 37 7.23 2.93 -23.24
CA ASP A 37 6.90 3.54 -21.91
C ASP A 37 7.52 2.77 -20.75
N SER A 38 7.96 1.57 -21.03
CA SER A 38 8.71 0.78 -20.10
C SER A 38 10.06 1.37 -19.73
N GLU A 39 10.73 2.09 -20.64
CA GLU A 39 12.04 2.70 -20.31
C GLU A 39 11.93 3.71 -19.18
N ILE A 40 10.96 4.59 -19.29
CA ILE A 40 10.71 5.62 -18.28
C ILE A 40 10.42 4.97 -16.95
N TYR A 41 9.62 3.92 -16.98
CA TYR A 41 9.21 3.19 -15.78
C TYR A 41 10.40 2.52 -15.12
N VAL A 42 11.14 1.74 -15.90
CA VAL A 42 12.34 1.03 -15.41
C VAL A 42 13.35 2.01 -14.84
N LYS A 43 13.52 3.13 -15.55
CA LYS A 43 14.42 4.21 -15.14
C LYS A 43 13.97 4.88 -13.83
N GLY A 44 12.67 5.08 -13.67
CA GLY A 44 12.15 5.70 -12.47
C GLY A 44 12.40 4.85 -11.23
N ILE A 45 12.34 3.53 -11.42
CA ILE A 45 12.57 2.58 -10.34
C ILE A 45 14.01 2.21 -10.10
N GLY A 46 14.80 2.15 -11.17
CA GLY A 46 16.20 1.77 -11.05
C GLY A 46 16.41 0.29 -11.30
N LEU A 47 17.32 0.02 -12.21
CA LEU A 47 17.72 -1.32 -12.60
C LEU A 47 18.13 -2.23 -11.44
N GLU A 48 18.72 -1.63 -10.40
CA GLU A 48 19.18 -2.36 -9.22
C GLU A 48 18.06 -3.04 -8.51
N ASN A 49 16.84 -2.49 -8.65
CA ASN A 49 15.63 -3.01 -8.02
C ASN A 49 14.92 -4.06 -8.82
N PHE A 50 15.34 -4.27 -10.06
CA PHE A 50 14.68 -5.32 -10.86
C PHE A 50 15.38 -6.69 -10.71
N ARG A 51 14.56 -7.71 -10.82
CA ARG A 51 15.00 -9.10 -10.69
C ARG A 51 14.47 -9.81 -11.90
N VAL A 52 15.20 -10.84 -12.29
CA VAL A 52 14.87 -11.61 -13.48
C VAL A 52 14.79 -13.08 -13.19
N ILE A 53 13.87 -13.78 -13.83
CA ILE A 53 13.84 -15.25 -13.79
C ILE A 53 14.13 -15.80 -15.18
N TYR A 54 15.02 -16.78 -15.25
CA TYR A 54 15.38 -17.42 -16.49
C TYR A 54 14.80 -18.81 -16.54
N ARG A 55 14.45 -19.27 -17.73
CA ARG A 55 14.02 -20.64 -17.95
C ARG A 55 15.02 -21.12 -18.99
N GLU A 56 15.87 -22.03 -18.58
CA GLU A 56 16.96 -22.46 -19.40
C GLU A 56 17.79 -21.19 -19.62
N GLN A 57 18.20 -20.87 -20.84
CA GLN A 57 19.04 -19.69 -21.03
C GLN A 57 18.24 -18.47 -21.45
N LYS A 58 16.92 -18.54 -21.39
CA LYS A 58 16.10 -17.42 -21.85
C LYS A 58 15.45 -16.64 -20.69
N VAL A 59 15.27 -15.34 -20.89
CA VAL A 59 14.71 -14.48 -19.88
C VAL A 59 13.23 -14.76 -19.92
N ALA A 60 12.68 -15.21 -18.81
CA ALA A 60 11.25 -15.60 -18.79
C ALA A 60 10.34 -14.54 -18.23
N GLY A 61 10.90 -13.70 -17.38
CA GLY A 61 10.12 -12.70 -16.74
C GLY A 61 10.87 -12.05 -15.62
N GLY A 62 10.13 -11.31 -14.80
CA GLY A 62 10.75 -10.60 -13.71
C GLY A 62 9.82 -9.72 -12.92
N LEU A 63 10.41 -8.95 -12.02
CA LEU A 63 9.68 -8.02 -11.23
C LEU A 63 10.63 -6.95 -10.67
N ALA A 64 10.05 -6.00 -9.94
CA ALA A 64 10.75 -5.01 -9.16
C ALA A 64 10.43 -5.17 -7.67
N ILE A 65 11.47 -5.05 -6.88
CA ILE A 65 11.37 -5.02 -5.42
C ILE A 65 11.61 -3.55 -5.00
N LEU A 66 10.68 -2.99 -4.21
CA LEU A 66 10.79 -1.59 -3.69
C LEU A 66 11.00 -1.59 -2.19
N PRO A 67 12.27 -1.49 -1.77
CA PRO A 67 12.52 -1.46 -0.37
C PRO A 67 12.13 -0.14 0.23
N MSE A 68 11.18 -0.18 1.15
CA MSE A 68 10.72 1.05 1.75
C MSE A 68 10.18 0.80 3.15
O MSE A 68 10.77 0.07 3.91
CB MSE A 68 9.69 1.70 0.81
CG MSE A 68 8.53 0.82 0.50
SE MSE A 68 7.14 1.66 -0.53
CE MSE A 68 6.64 0.13 -1.59
N GLY A 69 9.08 1.43 3.51
CA GLY A 69 8.50 1.24 4.82
C GLY A 69 7.01 1.37 4.72
N GLN A 70 6.36 0.92 5.79
CA GLN A 70 4.91 1.01 5.90
C GLN A 70 4.58 1.36 7.36
N TRP A 71 3.64 2.30 7.54
CA TRP A 71 3.27 2.73 8.90
C TRP A 71 2.14 1.87 9.53
N TRP A 72 2.46 1.09 10.57
CA TRP A 72 1.50 0.23 11.25
C TRP A 72 1.52 0.62 12.73
N GLY A 73 0.36 1.01 13.25
CA GLY A 73 0.19 1.47 14.59
C GLY A 73 1.14 2.63 14.89
N GLY A 74 1.46 3.40 13.87
CA GLY A 74 2.29 4.57 14.02
C GLY A 74 3.77 4.36 14.07
N GLN A 75 4.23 3.15 13.76
CA GLN A 75 5.64 2.82 13.72
C GLN A 75 5.97 2.44 12.29
N ARG A 76 7.14 2.81 11.83
CA ARG A 76 7.54 2.45 10.50
C ARG A 76 8.11 1.03 10.52
N VAL A 77 7.49 0.13 9.77
CA VAL A 77 7.99 -1.22 9.63
C VAL A 77 8.65 -1.33 8.26
N PRO A 78 9.92 -1.75 8.19
CA PRO A 78 10.53 -1.97 6.88
C PRO A 78 9.68 -2.90 6.04
N MSE A 79 9.52 -2.55 4.77
CA MSE A 79 8.58 -3.26 3.88
C MSE A 79 9.12 -3.29 2.49
O MSE A 79 9.69 -2.29 2.02
CB MSE A 79 7.29 -2.47 3.85
CG MSE A 79 6.05 -3.12 3.25
SE MSE A 79 5.97 -2.75 1.37
CE MSE A 79 4.85 -1.28 1.48
N ALA A 80 8.98 -4.45 1.83
CA ALA A 80 9.42 -4.58 0.45
C ALA A 80 8.19 -4.69 -0.47
N GLY A 81 8.00 -3.65 -1.28
CA GLY A 81 6.90 -3.57 -2.21
C GLY A 81 7.26 -4.39 -3.41
N ILE A 82 6.32 -5.19 -3.90
CA ILE A 82 6.58 -5.97 -5.13
C ILE A 82 5.82 -5.30 -6.27
N ALA A 83 6.51 -4.93 -7.34
CA ALA A 83 5.88 -4.32 -8.46
C ALA A 83 6.22 -5.04 -9.81
N ALA A 84 5.40 -4.74 -10.80
CA ALA A 84 5.59 -5.20 -12.18
C ALA A 84 5.96 -6.69 -12.35
N VAL A 85 5.16 -7.58 -11.77
CA VAL A 85 5.42 -8.98 -11.92
C VAL A 85 4.89 -9.40 -13.28
N GLY A 86 5.78 -9.91 -14.11
CA GLY A 86 5.39 -10.36 -15.43
C GLY A 86 6.18 -11.55 -15.92
N ILE A 87 5.48 -12.51 -16.51
CA ILE A 87 6.06 -13.67 -17.18
C ILE A 87 5.62 -13.59 -18.63
N ALA A 88 6.55 -13.66 -19.56
CA ALA A 88 6.24 -13.61 -20.99
C ALA A 88 5.25 -14.73 -21.28
N PRO A 89 4.30 -14.46 -22.13
CA PRO A 89 3.18 -15.40 -22.21
C PRO A 89 3.59 -16.80 -22.62
N GLU A 90 4.65 -16.94 -23.41
CA GLU A 90 5.07 -18.25 -23.81
C GLU A 90 5.60 -19.11 -22.65
N TYR A 91 5.87 -18.51 -21.50
CA TYR A 91 6.39 -19.26 -20.35
C TYR A 91 5.36 -19.46 -19.24
N ARG A 92 4.16 -18.99 -19.46
CA ARG A 92 3.10 -19.09 -18.46
C ARG A 92 2.55 -20.49 -18.24
N GLY A 93 1.90 -20.72 -17.12
CA GLY A 93 1.31 -22.06 -16.83
C GLY A 93 2.35 -23.13 -16.53
N ASP A 94 3.57 -22.72 -16.22
CA ASP A 94 4.67 -23.65 -15.99
C ASP A 94 5.36 -23.41 -14.64
N GLY A 95 4.76 -22.66 -13.73
CA GLY A 95 5.36 -22.46 -12.41
C GLY A 95 6.44 -21.39 -12.35
N ALA A 96 6.57 -20.60 -13.42
CA ALA A 96 7.64 -19.58 -13.43
C ALA A 96 7.30 -18.46 -12.45
N ALA A 97 6.05 -18.02 -12.41
CA ALA A 97 5.69 -16.92 -11.49
C ALA A 97 5.84 -17.29 -10.01
N ILE A 98 5.42 -18.48 -9.62
CA ILE A 98 5.52 -18.85 -8.23
C ILE A 98 7.02 -19.04 -7.92
N ALA A 99 7.79 -19.61 -8.83
CA ALA A 99 9.21 -19.73 -8.57
C ALA A 99 9.78 -18.33 -8.30
N LEU A 100 9.46 -17.38 -9.18
CA LEU A 100 9.95 -16.02 -9.02
C LEU A 100 9.59 -15.42 -7.64
N ILE A 101 8.33 -15.56 -7.26
CA ILE A 101 7.86 -14.99 -6.00
C ILE A 101 8.51 -15.62 -4.76
N GLN A 102 8.71 -16.90 -4.82
CA GLN A 102 9.38 -17.60 -3.74
C GLN A 102 10.84 -17.14 -3.60
N HIS A 103 11.57 -17.09 -4.71
CA HIS A 103 12.94 -16.57 -4.68
C HIS A 103 13.00 -15.18 -4.14
N THR A 104 12.12 -14.31 -4.62
CA THR A 104 12.02 -12.95 -4.15
C THR A 104 11.77 -12.88 -2.65
N LEU A 105 10.81 -13.64 -2.15
CA LEU A 105 10.55 -13.69 -0.71
C LEU A 105 11.78 -14.13 0.09
N GLN A 106 12.48 -15.13 -0.41
CA GLN A 106 13.70 -15.58 0.22
C GLN A 106 14.71 -14.45 0.26
N GLU A 107 14.81 -13.67 -0.82
CA GLU A 107 15.75 -12.56 -0.80
C GLU A 107 15.33 -11.50 0.24
N ILE A 108 14.04 -11.17 0.28
CA ILE A 108 13.56 -10.17 1.23
C ILE A 108 13.87 -10.62 2.67
N SER A 109 13.66 -11.91 2.92
CA SER A 109 13.93 -12.46 4.20
C SER A 109 15.42 -12.30 4.56
N GLU A 110 16.31 -12.56 3.60
CA GLU A 110 17.74 -12.45 3.84
C GLU A 110 18.17 -11.03 4.09
N GLN A 111 17.31 -10.07 3.77
CA GLN A 111 17.61 -8.66 3.99
C GLN A 111 17.01 -8.17 5.28
N ASP A 112 16.35 -9.06 6.02
CA ASP A 112 15.69 -8.75 7.27
C ASP A 112 14.55 -7.73 7.12
N ILE A 113 13.87 -7.81 6.00
CA ILE A 113 12.71 -6.95 5.80
C ILE A 113 11.54 -7.88 6.20
N PRO A 114 10.79 -7.51 7.25
CA PRO A 114 9.78 -8.41 7.80
C PRO A 114 8.45 -8.55 7.15
N ILE A 115 8.07 -7.59 6.28
CA ILE A 115 6.79 -7.64 5.55
C ILE A 115 6.98 -7.20 4.09
N SER A 116 6.04 -7.61 3.25
CA SER A 116 6.05 -7.31 1.82
C SER A 116 4.60 -7.11 1.42
N VAL A 117 4.38 -6.16 0.52
CA VAL A 117 3.05 -5.78 0.05
C VAL A 117 3.04 -5.68 -1.50
N LEU A 118 1.87 -5.95 -2.10
CA LEU A 118 1.63 -5.89 -3.53
C LEU A 118 0.15 -5.84 -3.82
N TYR A 119 -0.17 -5.36 -5.02
CA TYR A 119 -1.52 -5.28 -5.57
C TYR A 119 -1.60 -6.46 -6.55
N PRO A 120 -2.43 -7.47 -6.23
CA PRO A 120 -2.36 -8.67 -7.12
C PRO A 120 -3.19 -8.56 -8.44
N ALA A 121 -2.70 -9.06 -9.58
CA ALA A 121 -3.59 -9.09 -10.78
C ALA A 121 -4.45 -10.34 -10.62
N THR A 122 -3.93 -11.31 -9.88
CA THR A 122 -4.60 -12.54 -9.60
C THR A 122 -4.14 -13.02 -8.21
N GLN A 123 -5.12 -13.26 -7.32
CA GLN A 123 -4.84 -13.65 -5.95
C GLN A 123 -4.25 -15.05 -5.74
N ARG A 124 -4.69 -16.01 -6.55
CA ARG A 124 -4.34 -17.43 -6.36
C ARG A 124 -2.83 -17.59 -6.31
N LEU A 125 -2.16 -16.95 -7.25
CA LEU A 125 -0.68 -16.98 -7.30
C LEU A 125 -0.03 -16.53 -5.99
N TYR A 126 -0.35 -15.32 -5.56
CA TYR A 126 0.27 -14.80 -4.34
C TYR A 126 -0.10 -15.53 -3.05
N ARG A 127 -1.32 -16.02 -2.94
CA ARG A 127 -1.71 -16.83 -1.79
C ARG A 127 -0.88 -18.12 -1.75
N LYS A 128 -0.50 -18.67 -2.90
CA LYS A 128 0.38 -19.85 -2.91
C LYS A 128 1.69 -19.50 -2.20
N ALA A 129 2.08 -18.22 -2.18
CA ALA A 129 3.33 -17.86 -1.51
C ALA A 129 3.14 -17.20 -0.15
N GLY A 130 1.91 -17.26 0.37
CA GLY A 130 1.58 -16.68 1.66
C GLY A 130 1.14 -15.24 1.81
N TYR A 131 0.92 -14.55 0.69
CA TYR A 131 0.34 -13.20 0.70
C TYR A 131 -1.15 -13.33 0.97
N GLU A 132 -1.73 -12.33 1.65
CA GLU A 132 -3.18 -12.31 1.83
C GLU A 132 -3.74 -10.91 1.81
N GLN A 133 -5.02 -10.79 1.47
CA GLN A 133 -5.68 -9.49 1.55
C GLN A 133 -5.38 -8.87 2.90
N ALA A 134 -4.99 -7.60 2.88
CA ALA A 134 -4.55 -6.98 4.09
C ALA A 134 -4.81 -5.48 4.18
N GLY A 135 -5.23 -4.84 3.11
CA GLY A 135 -5.54 -3.42 3.18
C GLY A 135 -6.34 -3.00 2.00
N SER A 136 -6.83 -1.78 2.07
CA SER A 136 -7.68 -1.25 1.01
C SER A 136 -7.14 -0.05 0.26
N SER A 137 -7.63 0.13 -0.98
CA SER A 137 -7.43 1.34 -1.76
C SER A 137 -8.79 1.51 -2.41
N CYS A 138 -9.19 2.76 -2.55
CA CYS A 138 -10.55 3.09 -3.00
C CYS A 138 -10.49 4.41 -3.74
N VAL A 139 -11.10 4.43 -4.92
CA VAL A 139 -11.24 5.62 -5.72
C VAL A 139 -12.68 6.08 -5.62
N TRP A 140 -12.82 7.29 -5.09
CA TRP A 140 -14.08 7.96 -4.94
C TRP A 140 -14.31 8.94 -6.05
N GLU A 141 -15.57 9.22 -6.37
CA GLU A 141 -15.85 10.22 -7.36
C GLU A 141 -17.01 11.04 -6.91
N ILE A 142 -17.10 12.27 -7.41
CA ILE A 142 -18.20 13.13 -7.04
C ILE A 142 -18.44 14.23 -8.05
N PRO A 143 -19.73 14.57 -8.29
CA PRO A 143 -19.98 15.74 -9.13
C PRO A 143 -19.58 17.03 -8.40
N THR A 144 -18.80 17.86 -9.11
CA THR A 144 -18.24 19.06 -8.53
C THR A 144 -19.32 19.98 -8.01
N ASP A 145 -20.45 20.07 -8.72
CA ASP A 145 -21.50 20.96 -8.29
C ASP A 145 -22.36 20.49 -7.10
N SER A 146 -22.08 19.29 -6.56
CA SER A 146 -22.78 18.78 -5.41
C SER A 146 -22.00 19.08 -4.12
N ILE A 147 -20.77 19.60 -4.24
CA ILE A 147 -19.92 19.84 -3.03
C ILE A 147 -20.42 20.97 -2.18
N GLN A 148 -20.69 22.10 -2.83
CA GLN A 148 -21.31 23.22 -2.19
C GLN A 148 -20.74 23.54 -0.80
N ILE A 149 -19.43 23.71 -0.74
CA ILE A 149 -18.73 24.17 0.45
C ILE A 149 -17.94 25.39 0.00
N GLN A 150 -18.13 26.50 0.72
CA GLN A 150 -17.35 27.71 0.53
C GLN A 150 -16.91 28.16 1.93
N HIS A 151 -15.90 27.49 2.47
CA HIS A 151 -15.39 27.76 3.82
C HIS A 151 -13.88 27.77 3.70
N ALA A 152 -13.39 28.81 3.02
CA ALA A 152 -11.96 28.95 2.72
C ALA A 152 -11.16 29.48 3.91
N SER A 153 -11.01 28.63 4.91
CA SER A 153 -10.27 28.95 6.10
C SER A 153 -8.81 29.31 5.80
N LEU A 154 -8.20 28.52 4.91
CA LEU A 154 -6.78 28.59 4.56
C LEU A 154 -6.63 28.82 3.07
N PRO A 155 -5.60 29.58 2.68
CA PRO A 155 -5.36 29.77 1.28
C PRO A 155 -4.65 28.60 0.65
N LEU A 156 -4.76 28.55 -0.66
CA LEU A 156 -4.04 27.58 -1.46
C LEU A 156 -3.06 28.33 -2.31
N GLU A 157 -1.93 27.70 -2.58
CA GLU A 157 -0.82 28.25 -3.30
C GLU A 157 -0.22 27.23 -4.25
N PRO A 158 -0.09 27.55 -5.55
CA PRO A 158 0.55 26.60 -6.43
C PRO A 158 2.04 26.57 -6.17
N VAL A 159 2.62 25.38 -6.09
CA VAL A 159 4.01 25.20 -5.81
C VAL A 159 4.53 24.09 -6.72
N VAL A 160 5.84 23.99 -6.84
CA VAL A 160 6.42 22.93 -7.64
C VAL A 160 6.56 21.70 -6.75
N LEU A 161 6.18 20.54 -7.30
CA LEU A 161 6.29 19.27 -6.58
C LEU A 161 7.71 18.72 -6.54
N LYS A 162 8.33 18.60 -7.72
CA LYS A 162 9.58 17.89 -7.87
C LYS A 162 10.60 18.28 -6.81
N ASN A 163 11.04 17.26 -6.07
CA ASN A 163 12.01 17.33 -4.97
C ASN A 163 11.70 18.38 -3.89
N ASN A 164 10.44 18.80 -3.78
CA ASN A 164 10.06 19.83 -2.83
C ASN A 164 9.86 19.18 -1.48
N PRO A 165 10.69 19.55 -0.49
CA PRO A 165 10.61 18.82 0.76
C PRO A 165 9.34 19.09 1.53
N ILE A 166 8.64 20.17 1.21
CA ILE A 166 7.46 20.46 1.96
C ILE A 166 6.48 19.28 1.84
N PHE A 167 6.36 18.73 0.64
CA PHE A 167 5.48 17.61 0.35
C PHE A 167 5.87 16.39 1.13
N HIS A 168 7.15 16.04 1.12
CA HIS A 168 7.61 14.89 1.92
C HIS A 168 7.26 15.06 3.37
N GLU A 169 7.42 16.27 3.89
N GLU A 169 7.49 16.26 3.90
CA GLU A 169 7.21 16.52 5.31
CA GLU A 169 7.21 16.56 5.30
C GLU A 169 5.76 16.48 5.77
C GLU A 169 5.76 16.34 5.68
N LEU A 170 4.85 16.95 4.91
CA LEU A 170 3.43 16.83 5.18
C LEU A 170 3.00 15.39 4.97
N TYR A 171 3.49 14.74 3.92
CA TYR A 171 3.17 13.34 3.66
C TYR A 171 3.51 12.45 4.82
N GLN A 172 4.75 12.53 5.27
N GLN A 172 4.76 12.55 5.25
CA GLN A 172 5.18 11.68 6.38
CA GLN A 172 5.27 11.83 6.43
C GLN A 172 4.39 11.92 7.68
C GLN A 172 4.30 11.90 7.59
N GLN A 173 3.77 13.10 7.84
CA GLN A 173 2.88 13.33 9.00
C GLN A 173 1.54 12.61 8.89
N GLN A 174 0.89 12.68 7.75
CA GLN A 174 -0.35 11.91 7.50
C GLN A 174 -0.04 10.38 7.46
N ALA A 175 1.13 10.03 6.96
CA ALA A 175 1.56 8.62 6.81
C ALA A 175 1.67 8.01 8.18
N GLN A 176 2.38 8.69 9.06
CA GLN A 176 2.62 8.17 10.39
C GLN A 176 1.32 7.98 11.13
N LEU A 177 0.31 8.80 10.79
CA LEU A 177 -1.04 8.75 11.42
C LEU A 177 -2.04 7.82 10.80
N THR A 178 -1.71 7.28 9.63
CA THR A 178 -2.62 6.45 8.88
C THR A 178 -2.09 5.01 8.80
N HIS A 179 -2.84 4.13 9.44
CA HIS A 179 -2.53 2.68 9.56
C HIS A 179 -2.58 2.10 8.15
N GLY A 180 -1.39 1.66 7.69
CA GLY A 180 -1.25 1.12 6.34
C GLY A 180 -0.51 1.98 5.30
N TYR A 181 -0.28 3.26 5.60
CA TYR A 181 0.34 4.18 4.65
C TYR A 181 1.75 3.82 4.40
N LEU A 182 2.17 4.13 3.20
CA LEU A 182 3.56 3.86 2.84
C LEU A 182 4.54 4.87 3.40
N ASP A 183 5.75 4.41 3.71
CA ASP A 183 6.89 5.34 3.82
C ASP A 183 7.43 5.13 2.41
N ARG A 184 7.09 6.05 1.52
CA ARG A 184 7.35 5.87 0.11
C ARG A 184 8.80 5.71 -0.43
N HIS A 185 8.93 4.76 -1.32
CA HIS A 185 10.14 4.58 -2.08
C HIS A 185 10.13 5.77 -3.05
N PRO A 186 11.31 6.29 -3.38
CA PRO A 186 11.46 7.35 -4.36
C PRO A 186 10.64 7.13 -5.66
N ALA A 187 10.43 5.89 -6.08
CA ALA A 187 9.70 5.58 -7.30
C ALA A 187 8.24 5.98 -7.23
N ILE A 188 7.70 5.96 -6.01
CA ILE A 188 6.29 6.31 -5.81
C ILE A 188 6.12 7.79 -6.08
N TRP A 189 7.01 8.58 -5.50
CA TRP A 189 7.03 10.01 -5.71
C TRP A 189 7.25 10.31 -7.21
N GLN A 190 8.18 9.58 -7.84
CA GLN A 190 8.41 9.69 -9.29
C GLN A 190 7.15 9.51 -10.11
N GLY A 191 6.41 8.48 -9.80
CA GLY A 191 5.17 8.19 -10.51
C GLY A 191 4.19 9.30 -10.37
N LEU A 192 4.11 9.89 -9.17
CA LEU A 192 3.22 11.02 -8.91
C LEU A 192 3.56 12.27 -9.66
N ASN A 193 4.83 12.47 -9.87
CA ASN A 193 5.31 13.63 -10.62
C ASN A 193 5.27 13.38 -12.15
N ARG A 194 4.86 12.20 -12.57
CA ARG A 194 4.90 11.84 -13.98
C ARG A 194 3.57 12.00 -14.65
N THR A 195 3.58 12.68 -15.78
CA THR A 195 2.38 12.84 -16.57
C THR A 195 2.67 12.69 -18.06
N LEU A 196 1.60 12.50 -18.80
CA LEU A 196 1.61 12.53 -20.24
C LEU A 196 2.01 13.94 -20.73
N ASP A 197 2.67 14.02 -21.89
CA ASP A 197 3.00 15.31 -22.57
C ASP A 197 1.73 16.13 -22.76
N THR A 198 0.65 15.39 -23.00
CA THR A 198 -0.74 15.81 -23.04
C THR A 198 -1.10 16.71 -21.85
N GLU A 199 -0.64 16.32 -20.67
CA GLU A 199 -1.17 16.88 -19.44
C GLU A 199 -0.23 17.65 -18.50
N THR A 200 -0.85 18.50 -17.71
CA THR A 200 -0.19 19.35 -16.78
C THR A 200 -0.49 18.82 -15.39
N LEU A 201 0.54 18.87 -14.56
CA LEU A 201 0.45 18.42 -13.20
C LEU A 201 0.25 19.67 -12.36
N TYR A 202 -0.76 19.64 -11.52
CA TYR A 202 -1.03 20.77 -10.64
C TYR A 202 -0.76 20.29 -9.20
N SER A 203 -0.11 21.15 -8.44
CA SER A 203 0.27 20.90 -7.04
C SER A 203 0.05 22.20 -6.25
N TYR A 204 -0.66 22.11 -5.14
CA TYR A 204 -0.95 23.26 -4.30
C TYR A 204 -0.67 22.85 -2.87
N LEU A 205 -0.21 23.79 -2.08
CA LEU A 205 -0.10 23.66 -0.64
C LEU A 205 -1.35 24.33 -0.09
N ILE A 206 -1.87 23.75 1.00
CA ILE A 206 -2.99 24.29 1.73
C ILE A 206 -2.43 24.85 3.03
N GLY A 207 -2.66 26.12 3.27
CA GLY A 207 -2.26 26.76 4.50
C GLY A 207 -1.79 28.18 4.32
N ASP A 208 -1.69 28.89 5.45
CA ASP A 208 -1.13 30.23 5.42
C ASP A 208 0.35 30.02 5.05
N LYS A 209 0.97 31.11 4.60
CA LYS A 209 2.37 31.11 4.18
C LYS A 209 3.25 30.57 5.28
N ASP A 210 4.12 29.62 4.91
CA ASP A 210 5.09 29.04 5.86
C ASP A 210 4.45 28.26 7.01
N LYS A 211 3.15 27.97 6.91
CA LYS A 211 2.45 27.16 7.92
C LYS A 211 1.57 26.17 7.16
N PRO A 212 2.20 25.34 6.30
CA PRO A 212 1.40 24.43 5.52
C PRO A 212 0.67 23.41 6.36
N GLN A 213 -0.59 23.14 6.00
CA GLN A 213 -1.41 22.19 6.69
C GLN A 213 -1.90 21.04 5.81
N GLY A 214 -1.54 21.07 4.54
CA GLY A 214 -1.93 20.02 3.65
C GLY A 214 -1.58 20.38 2.24
N TYR A 215 -1.95 19.51 1.31
CA TYR A 215 -1.65 19.76 -0.07
C TYR A 215 -2.57 18.95 -1.00
N ILE A 216 -2.60 19.34 -2.27
CA ILE A 216 -3.35 18.60 -3.30
C ILE A 216 -2.52 18.55 -4.57
N ILE A 217 -2.45 17.35 -5.15
CA ILE A 217 -1.76 17.09 -6.41
C ILE A 217 -2.77 16.46 -7.36
N PHE A 218 -2.92 17.04 -8.56
CA PHE A 218 -3.93 16.62 -9.47
C PHE A 218 -3.65 16.88 -10.92
N THR A 219 -4.43 16.21 -11.75
CA THR A 219 -4.42 16.43 -13.20
C THR A 219 -5.88 16.70 -13.62
N GLN A 220 -6.07 17.23 -14.81
CA GLN A 220 -7.40 17.49 -15.29
C GLN A 220 -7.38 16.99 -16.71
N GLU A 221 -8.54 16.61 -17.21
CA GLU A 221 -8.66 16.20 -18.61
C GLU A 221 -10.09 16.28 -19.03
N ARG A 222 -10.28 16.33 -20.35
CA ARG A 222 -11.60 16.26 -20.96
C ARG A 222 -11.71 14.91 -21.63
N THR A 223 -12.80 14.20 -21.36
CA THR A 223 -13.04 12.87 -21.93
C THR A 223 -14.30 12.93 -22.80
N ARG A 224 -14.79 11.76 -23.22
CA ARG A 224 -16.06 11.66 -23.99
C ARG A 224 -17.20 12.00 -23.04
N ASP A 225 -17.12 11.48 -21.82
CA ASP A 225 -18.12 11.71 -20.77
C ASP A 225 -18.20 13.17 -20.30
N GLY A 226 -17.08 13.90 -20.41
CA GLY A 226 -17.01 15.28 -19.90
C GLY A 226 -15.65 15.58 -19.29
N SER A 227 -15.62 16.47 -18.31
CA SER A 227 -14.35 16.86 -17.73
C SER A 227 -14.14 16.26 -16.35
N ILE A 228 -12.89 15.98 -16.07
CA ILE A 228 -12.58 15.32 -14.82
C ILE A 228 -11.27 15.84 -14.24
N LEU A 229 -11.28 15.99 -12.92
CA LEU A 229 -10.12 16.40 -12.21
C LEU A 229 -9.77 15.21 -11.38
N ARG A 230 -8.58 14.68 -11.59
CA ARG A 230 -8.18 13.45 -10.86
C ARG A 230 -7.15 13.80 -9.81
N ILE A 231 -7.52 13.72 -8.52
CA ILE A 231 -6.62 13.99 -7.45
C ILE A 231 -5.76 12.75 -7.21
N ARG A 232 -4.45 12.82 -7.41
CA ARG A 232 -3.60 11.64 -7.22
C ARG A 232 -2.98 11.54 -5.85
N ASP A 233 -2.88 12.66 -5.12
CA ASP A 233 -2.35 12.59 -3.78
C ASP A 233 -2.87 13.84 -3.07
N TRP A 234 -3.14 13.71 -1.77
CA TRP A 234 -3.59 14.85 -1.01
C TRP A 234 -3.18 14.58 0.44
N VAL A 235 -3.05 15.67 1.19
CA VAL A 235 -2.83 15.65 2.61
C VAL A 235 -3.70 16.73 3.29
N THR A 236 -4.37 16.34 4.39
CA THR A 236 -5.16 17.28 5.22
C THR A 236 -4.86 16.94 6.67
N LEU A 237 -4.12 17.82 7.35
CA LEU A 237 -3.70 17.54 8.73
C LEU A 237 -4.67 18.08 9.78
N SER A 238 -5.57 18.96 9.37
CA SER A 238 -6.46 19.62 10.29
C SER A 238 -7.77 19.91 9.58
N ASN A 239 -8.79 20.25 10.36
CA ASN A 239 -10.09 20.58 9.80
C ASN A 239 -10.09 21.81 8.88
N PRO A 240 -9.37 22.89 9.25
CA PRO A 240 -9.24 24.01 8.30
C PRO A 240 -8.64 23.56 6.94
N ALA A 241 -7.75 22.58 6.94
CA ALA A 241 -7.21 22.07 5.67
C ALA A 241 -8.30 21.31 4.93
N VAL A 242 -9.13 20.55 5.65
CA VAL A 242 -10.22 19.82 5.03
C VAL A 242 -11.25 20.75 4.40
N GLN A 243 -11.68 21.78 5.13
CA GLN A 243 -12.65 22.76 4.57
C GLN A 243 -12.10 23.48 3.35
N SER A 244 -10.82 23.76 3.42
CA SER A 244 -10.10 24.46 2.35
C SER A 244 -9.97 23.58 1.11
N PHE A 245 -9.75 22.30 1.33
CA PHE A 245 -9.69 21.31 0.27
C PHE A 245 -11.01 21.28 -0.52
N TRP A 246 -12.10 21.06 0.20
CA TRP A 246 -13.39 20.99 -0.42
C TRP A 246 -13.77 22.28 -1.06
N THR A 247 -13.53 23.42 -0.41
CA THR A 247 -13.82 24.73 -1.01
C THR A 247 -13.09 24.89 -2.35
N PHE A 248 -11.81 24.53 -2.37
CA PHE A 248 -11.02 24.68 -3.58
C PHE A 248 -11.63 23.84 -4.74
N ILE A 249 -11.93 22.59 -4.45
CA ILE A 249 -12.52 21.69 -5.38
C ILE A 249 -13.90 22.15 -5.82
N ALA A 250 -14.74 22.60 -4.88
CA ALA A 250 -16.11 23.11 -5.20
C ALA A 250 -15.96 24.28 -6.15
N ASN A 251 -14.84 25.01 -6.04
CA ASN A 251 -14.63 26.14 -6.91
C ASN A 251 -14.22 25.81 -8.35
N HIS A 252 -14.13 24.53 -8.67
CA HIS A 252 -13.87 24.09 -10.04
C HIS A 252 -15.16 23.70 -10.79
N ARG A 253 -16.30 23.94 -10.18
CA ARG A 253 -17.58 23.47 -10.68
C ARG A 253 -17.97 24.02 -12.03
N SER A 254 -17.52 25.21 -12.39
CA SER A 254 -17.91 25.68 -13.70
C SER A 254 -17.06 25.08 -14.81
N GLN A 255 -15.84 24.59 -14.45
N GLN A 255 -15.91 24.46 -14.59
CA GLN A 255 -14.85 24.02 -15.40
CA GLN A 255 -15.27 23.83 -15.77
C GLN A 255 -14.74 22.49 -15.42
C GLN A 255 -15.07 22.35 -15.58
N ILE A 256 -15.16 21.85 -14.34
CA ILE A 256 -14.97 20.42 -14.11
C ILE A 256 -16.28 19.75 -13.72
N ASP A 257 -16.69 18.72 -14.45
CA ASP A 257 -17.93 17.97 -14.12
C ASP A 257 -17.79 17.00 -12.92
N LYS A 258 -16.68 16.29 -12.85
CA LYS A 258 -16.48 15.25 -11.83
C LYS A 258 -15.09 15.31 -11.23
N VAL A 259 -14.99 15.02 -9.94
CA VAL A 259 -13.70 14.95 -9.27
C VAL A 259 -13.55 13.55 -8.67
N THR A 260 -12.34 13.00 -8.80
CA THR A 260 -12.00 11.75 -8.13
C THR A 260 -10.82 11.92 -7.19
N TRP A 261 -10.83 11.14 -6.13
CA TRP A 261 -9.71 11.09 -5.19
C TRP A 261 -9.62 9.70 -4.59
N LYS A 262 -8.46 9.39 -4.02
CA LYS A 262 -8.27 8.10 -3.34
C LYS A 262 -8.32 8.32 -1.83
N SER A 263 -9.05 7.44 -1.16
CA SER A 263 -9.20 7.48 0.22
C SER A 263 -9.40 6.04 0.75
N SER A 264 -9.85 6.02 1.97
CA SER A 264 -10.25 4.83 2.63
C SER A 264 -11.62 4.41 2.13
N VAL A 265 -11.98 3.17 2.37
CA VAL A 265 -13.30 2.71 1.97
C VAL A 265 -14.35 3.41 2.83
N ILE A 266 -14.04 3.66 4.10
CA ILE A 266 -14.90 4.44 4.95
C ILE A 266 -14.28 5.85 4.98
N ASP A 267 -14.43 6.58 3.90
CA ASP A 267 -13.81 7.86 3.79
C ASP A 267 -14.44 8.90 4.75
N ALA A 268 -13.57 9.63 5.45
CA ALA A 268 -13.98 10.65 6.39
C ALA A 268 -14.22 12.04 5.75
N LEU A 269 -13.58 12.33 4.62
CA LEU A 269 -13.73 13.62 3.96
C LEU A 269 -15.19 13.87 3.56
N THR A 270 -15.89 12.81 3.18
CA THR A 270 -17.30 12.92 2.77
C THR A 270 -18.22 13.25 3.97
N LEU A 271 -17.67 13.18 5.17
CA LEU A 271 -18.48 13.52 6.36
C LEU A 271 -18.87 14.99 6.30
N LEU A 272 -17.99 15.82 5.72
CA LEU A 272 -18.23 17.23 5.63
C LEU A 272 -19.14 17.73 4.50
N LEU A 273 -19.50 16.86 3.55
CA LEU A 273 -20.41 17.23 2.44
C LEU A 273 -21.86 17.36 2.91
N PRO A 274 -22.63 18.23 2.26
CA PRO A 274 -24.01 18.39 2.64
C PRO A 274 -24.86 17.16 2.32
N GLU A 275 -24.55 16.45 1.26
CA GLU A 275 -25.27 15.25 0.91
C GLU A 275 -24.35 14.11 0.51
N GLN A 276 -24.87 12.89 0.52
CA GLN A 276 -24.07 11.75 0.14
C GLN A 276 -23.98 11.68 -1.39
N SER A 277 -23.23 12.60 -1.98
CA SER A 277 -23.18 12.68 -3.43
C SER A 277 -22.00 11.94 -4.02
N ALA A 278 -21.12 11.48 -3.16
CA ALA A 278 -19.91 10.83 -3.60
C ALA A 278 -20.13 9.35 -3.75
N THR A 279 -19.52 8.70 -4.73
CA THR A 279 -19.66 7.26 -4.84
C THR A 279 -18.30 6.61 -5.00
N ILE A 280 -18.25 5.31 -4.75
CA ILE A 280 -17.04 4.58 -4.92
C ILE A 280 -16.98 4.13 -6.38
N ARG A 281 -15.95 4.59 -7.10
CA ARG A 281 -15.76 4.29 -8.50
C ARG A 281 -15.09 2.93 -8.63
N SER A 282 -14.12 2.65 -7.75
CA SER A 282 -13.47 1.36 -7.75
C SER A 282 -12.71 1.18 -6.45
N GLN A 283 -12.46 -0.07 -6.15
CA GLN A 283 -11.68 -0.40 -4.97
C GLN A 283 -10.83 -1.62 -5.24
N ASP A 284 -9.78 -1.77 -4.42
CA ASP A 284 -8.86 -2.86 -4.54
C ASP A 284 -8.34 -3.21 -3.15
N ARG A 285 -8.11 -4.50 -2.92
CA ARG A 285 -7.39 -4.89 -1.75
C ARG A 285 -5.99 -5.29 -2.15
N TRP A 286 -5.01 -4.66 -1.49
CA TRP A 286 -3.67 -5.07 -1.59
C TRP A 286 -3.38 -6.19 -0.59
N MSE A 287 -2.28 -6.88 -0.84
CA MSE A 287 -1.93 -8.00 -0.06
C MSE A 287 -0.65 -7.82 0.65
O MSE A 287 0.22 -7.09 0.18
CB MSE A 287 -1.83 -9.18 -0.98
CG MSE A 287 -3.13 -9.65 -1.60
SE MSE A 287 -2.91 -11.31 -2.63
CE MSE A 287 -4.48 -12.35 -1.98
N LEU A 288 -0.50 -8.55 1.73
CA LEU A 288 0.71 -8.49 2.57
C LEU A 288 1.23 -9.89 2.89
N ARG A 289 2.56 -10.03 2.91
CA ARG A 289 3.19 -11.25 3.31
C ARG A 289 3.97 -10.96 4.58
N ILE A 290 3.70 -11.73 5.62
CA ILE A 290 4.55 -11.68 6.84
C ILE A 290 5.78 -12.50 6.50
N VAL A 291 6.88 -11.80 6.26
CA VAL A 291 8.13 -12.46 5.89
C VAL A 291 8.88 -13.02 7.13
N ASN A 292 8.86 -12.22 8.21
CA ASN A 292 9.44 -12.63 9.51
C ASN A 292 8.45 -12.35 10.65
N VAL A 293 7.89 -13.40 11.21
CA VAL A 293 6.86 -13.22 12.24
C VAL A 293 7.31 -12.40 13.41
N CYS A 294 8.49 -12.71 13.97
N CYS A 294 8.49 -12.72 13.95
CA CYS A 294 9.02 -12.01 15.13
CA CYS A 294 9.00 -12.03 15.11
C CYS A 294 9.30 -10.55 14.82
C CYS A 294 9.29 -10.57 14.82
N LYS A 295 10.08 -10.31 13.79
CA LYS A 295 10.43 -8.94 13.47
C LYS A 295 9.21 -8.10 13.06
N ALA A 296 8.29 -8.67 12.32
CA ALA A 296 7.08 -7.92 11.90
C ALA A 296 6.27 -7.48 13.12
N LEU A 297 6.05 -8.39 14.06
CA LEU A 297 5.30 -8.11 15.27
C LEU A 297 6.02 -7.11 16.20
N GLU A 298 7.35 -7.22 16.30
CA GLU A 298 8.12 -6.31 17.14
C GLU A 298 8.27 -4.93 16.55
N ALA A 299 8.15 -4.79 15.23
CA ALA A 299 8.29 -3.49 14.60
C ALA A 299 7.04 -2.65 14.60
N ARG A 300 5.88 -3.30 14.74
CA ARG A 300 4.57 -2.64 14.69
C ARG A 300 4.26 -1.87 15.96
N GLY A 301 3.46 -0.81 15.87
CA GLY A 301 2.93 -0.14 17.05
C GLY A 301 1.67 -0.85 17.52
N TYR A 302 1.38 -0.74 18.83
CA TYR A 302 0.21 -1.34 19.43
C TYR A 302 -0.56 -0.29 20.19
N PRO A 303 -1.87 -0.50 20.37
CA PRO A 303 -2.61 0.52 21.10
C PRO A 303 -2.16 0.65 22.54
N LEU A 304 -2.14 1.88 23.05
CA LEU A 304 -1.88 2.07 24.46
C LEU A 304 -3.10 1.61 25.29
N GLY A 305 -2.81 1.14 26.48
CA GLY A 305 -3.79 0.67 27.43
C GLY A 305 -3.97 -0.83 27.36
N VAL A 306 -3.29 -1.47 26.40
CA VAL A 306 -3.37 -2.91 26.24
C VAL A 306 -2.19 -3.59 26.93
N GLU A 307 -2.49 -4.58 27.76
CA GLU A 307 -1.42 -5.37 28.36
C GLU A 307 -1.89 -6.81 28.20
N ALA A 308 -1.25 -7.54 27.29
CA ALA A 308 -1.68 -8.90 27.01
C ALA A 308 -0.59 -9.73 26.42
N GLU A 309 -0.69 -11.02 26.67
CA GLU A 309 0.20 -12.00 26.12
C GLU A 309 -0.63 -12.93 25.20
N LEU A 310 -0.34 -12.95 23.93
CA LEU A 310 -1.07 -13.80 23.01
C LEU A 310 -0.19 -14.95 22.55
N HIS A 311 -0.64 -16.19 22.76
CA HIS A 311 0.15 -17.39 22.42
C HIS A 311 -0.27 -17.92 21.05
N LEU A 312 0.56 -17.65 20.05
CA LEU A 312 0.25 -17.94 18.65
C LEU A 312 0.89 -19.24 18.19
N GLU A 313 0.25 -19.84 17.20
CA GLU A 313 0.77 -21.01 16.54
C GLU A 313 0.64 -20.77 15.06
N VAL A 314 1.78 -20.61 14.41
CA VAL A 314 1.76 -20.22 13.00
C VAL A 314 2.28 -21.31 12.05
N GLN A 315 1.60 -21.48 10.92
N GLN A 315 1.63 -21.45 10.91
CA GLN A 315 2.06 -22.37 9.87
CA GLN A 315 2.02 -22.38 9.84
C GLN A 315 2.65 -21.50 8.78
C GLN A 315 2.59 -21.58 8.69
N ASP A 316 3.80 -21.91 8.23
CA ASP A 316 4.42 -21.24 7.06
C ASP A 316 5.14 -22.35 6.32
N ASP A 317 4.60 -22.72 5.19
CA ASP A 317 5.14 -23.81 4.40
C ASP A 317 6.34 -23.39 3.52
N LEU A 318 6.66 -22.08 3.48
CA LEU A 318 7.75 -21.57 2.65
C LEU A 318 8.97 -21.18 3.47
N LEU A 319 8.75 -20.39 4.50
CA LEU A 319 9.81 -19.88 5.36
C LEU A 319 9.74 -20.53 6.74
N ALA A 320 10.45 -21.64 6.88
CA ALA A 320 10.46 -22.45 8.09
C ALA A 320 10.65 -21.69 9.40
N THR A 321 11.40 -20.62 9.42
CA THR A 321 11.59 -19.87 10.69
C THR A 321 10.31 -19.23 11.26
N ASN A 322 9.26 -19.13 10.46
CA ASN A 322 8.00 -18.58 10.89
C ASN A 322 6.99 -19.66 11.35
N GLN A 323 7.35 -20.91 11.12
CA GLN A 323 6.47 -22.04 11.43
C GLN A 323 6.69 -22.39 12.87
N GLY A 324 5.69 -22.26 13.74
CA GLY A 324 5.88 -22.67 15.13
C GLY A 324 5.08 -21.86 16.11
N LYS A 325 5.46 -21.94 17.38
CA LYS A 325 4.73 -21.23 18.42
C LYS A 325 5.51 -20.00 18.87
N PHE A 326 4.80 -18.90 19.04
CA PHE A 326 5.35 -17.61 19.42
C PHE A 326 4.43 -17.00 20.50
N ILE A 327 5.04 -16.39 21.49
CA ILE A 327 4.31 -15.58 22.45
C ILE A 327 4.52 -14.11 22.09
N LEU A 328 3.43 -13.43 21.78
CA LEU A 328 3.43 -11.98 21.57
C LEU A 328 3.03 -11.33 22.89
N SER A 329 3.93 -10.57 23.53
CA SER A 329 3.59 -9.89 24.79
C SER A 329 3.55 -8.42 24.49
N VAL A 330 2.40 -7.82 24.72
CA VAL A 330 2.18 -6.38 24.44
C VAL A 330 1.95 -5.58 25.72
N ALA A 331 2.63 -4.44 25.82
CA ALA A 331 2.44 -3.53 26.95
C ALA A 331 3.05 -2.20 26.53
N ASN A 332 2.42 -1.13 26.99
CA ASN A 332 2.90 0.22 26.76
C ASN A 332 3.12 0.53 25.32
N GLY A 333 2.24 0.00 24.49
CA GLY A 333 2.31 0.28 23.03
C GLY A 333 3.38 -0.47 22.25
N LYS A 334 4.08 -1.35 22.93
CA LYS A 334 5.18 -2.09 22.34
C LYS A 334 5.01 -3.59 22.59
N SER A 335 5.67 -4.40 21.76
CA SER A 335 5.66 -5.83 21.88
C SER A 335 7.07 -6.44 22.05
N GLU A 336 7.07 -7.65 22.54
CA GLU A 336 8.25 -8.48 22.63
C GLU A 336 7.69 -9.85 22.23
N VAL A 337 8.39 -10.53 21.33
CA VAL A 337 7.98 -11.81 20.84
C VAL A 337 9.06 -12.81 21.23
N THR A 338 8.65 -13.93 21.82
CA THR A 338 9.58 -15.01 22.22
C THR A 338 9.05 -16.30 21.63
N LYS A 339 9.88 -17.32 21.54
CA LYS A 339 9.43 -18.58 21.00
C LYS A 339 8.74 -19.44 22.06
N GLY A 340 7.75 -20.20 21.64
CA GLY A 340 7.07 -21.12 22.54
C GLY A 340 5.63 -20.73 22.89
N GLY A 341 5.19 -21.21 24.04
CA GLY A 341 3.88 -20.98 24.50
C GLY A 341 2.91 -22.10 24.15
N LYS A 342 1.65 -21.82 24.41
CA LYS A 342 0.63 -22.82 24.26
C LYS A 342 -0.17 -22.80 22.98
N GLY A 343 0.16 -21.89 22.05
CA GLY A 343 -0.50 -21.85 20.77
C GLY A 343 -2.01 -21.91 20.87
N GLU A 344 -2.55 -20.94 21.60
CA GLU A 344 -3.96 -20.75 21.84
C GLU A 344 -4.65 -20.17 20.63
N LEU A 345 -3.90 -19.58 19.72
CA LEU A 345 -4.48 -19.00 18.51
C LEU A 345 -3.65 -19.48 17.36
N GLN A 346 -4.28 -20.30 16.52
CA GLN A 346 -3.62 -20.97 15.41
C GLN A 346 -4.04 -20.43 14.08
N LEU A 347 -3.06 -20.23 13.20
CA LEU A 347 -3.34 -19.71 11.91
C LEU A 347 -2.17 -19.94 10.97
N ASP A 348 -2.47 -19.84 9.70
CA ASP A 348 -1.48 -19.89 8.67
C ASP A 348 -0.90 -18.48 8.58
N ILE A 349 0.28 -18.38 7.98
CA ILE A 349 0.92 -17.10 7.78
C ILE A 349 -0.02 -16.10 7.03
N LYS A 350 -0.98 -16.62 6.23
CA LYS A 350 -1.95 -15.78 5.54
C LYS A 350 -2.94 -15.15 6.47
N GLY A 351 -3.43 -15.94 7.45
CA GLY A 351 -4.35 -15.44 8.44
C GLY A 351 -3.69 -14.33 9.24
N LEU A 352 -2.39 -14.49 9.50
CA LEU A 352 -1.64 -13.54 10.32
C LEU A 352 -1.49 -12.22 9.63
N ALA A 353 -1.37 -12.23 8.30
CA ALA A 353 -1.31 -10.99 7.55
C ALA A 353 -2.56 -10.10 7.76
N SER A 354 -3.75 -10.73 7.67
CA SER A 354 -5.01 -9.99 7.76
C SER A 354 -5.22 -9.56 9.19
N LEU A 355 -4.78 -10.40 10.13
CA LEU A 355 -4.88 -10.08 11.56
C LEU A 355 -3.99 -8.87 11.89
N TYR A 356 -2.76 -8.94 11.41
CA TYR A 356 -1.74 -7.90 11.65
C TYR A 356 -2.12 -6.52 11.23
N THR A 357 -2.73 -6.42 10.05
CA THR A 357 -3.13 -5.10 9.50
C THR A 357 -4.43 -4.52 9.98
N SER A 358 -5.20 -5.28 10.75
CA SER A 358 -6.52 -4.88 11.21
C SER A 358 -7.54 -4.75 10.10
N LEU A 359 -7.34 -5.41 8.97
CA LEU A 359 -8.37 -5.38 7.93
C LEU A 359 -9.63 -6.05 8.44
N PHE A 360 -9.45 -7.25 9.02
CA PHE A 360 -10.51 -8.02 9.64
C PHE A 360 -10.17 -8.30 11.07
N THR A 361 -11.21 -8.33 11.91
CA THR A 361 -11.04 -8.58 13.33
C THR A 361 -10.87 -10.05 13.56
N PRO A 362 -10.31 -10.40 14.72
CA PRO A 362 -10.20 -11.81 15.02
C PRO A 362 -11.48 -12.58 14.84
N ARG A 363 -12.58 -12.03 15.34
CA ARG A 363 -13.90 -12.65 15.20
C ARG A 363 -14.22 -12.91 13.73
N GLN A 364 -14.00 -11.89 12.90
CA GLN A 364 -14.22 -12.01 11.45
C GLN A 364 -13.30 -13.05 10.80
N LEU A 365 -12.07 -13.14 11.24
CA LEU A 365 -11.14 -14.15 10.74
C LEU A 365 -11.52 -15.59 11.22
N GLN A 366 -12.05 -15.67 12.43
CA GLN A 366 -12.53 -16.92 12.92
C GLN A 366 -13.69 -17.40 12.07
N LEU A 367 -14.63 -16.50 11.82
CA LEU A 367 -15.84 -16.82 11.07
C LEU A 367 -15.59 -17.26 9.63
N THR A 368 -14.51 -16.75 9.03
CA THR A 368 -14.11 -17.04 7.64
C THR A 368 -13.01 -18.10 7.62
N GLY A 369 -12.77 -18.71 8.79
CA GLY A 369 -11.89 -19.83 8.93
C GLY A 369 -10.40 -19.59 8.80
N LYS A 370 -9.95 -18.35 9.01
CA LYS A 370 -8.52 -18.05 8.86
C LYS A 370 -7.77 -18.18 10.18
N LEU A 371 -8.51 -18.41 11.26
CA LEU A 371 -7.87 -18.65 12.53
C LEU A 371 -8.80 -19.45 13.44
N GLN A 372 -8.20 -20.19 14.38
CA GLN A 372 -8.92 -20.87 15.44
C GLN A 372 -8.35 -20.34 16.77
N ALA A 373 -9.23 -20.00 17.69
CA ALA A 373 -8.79 -19.53 18.99
C ALA A 373 -9.80 -19.81 20.10
N THR A 374 -9.29 -19.76 21.33
CA THR A 374 -10.11 -19.81 22.55
C THR A 374 -10.71 -18.41 22.66
N GLU A 375 -11.78 -18.26 23.42
CA GLU A 375 -12.40 -16.96 23.57
C GLU A 375 -11.46 -15.97 24.24
N THR A 376 -10.62 -16.43 25.14
CA THR A 376 -9.68 -15.54 25.78
C THR A 376 -8.64 -15.06 24.80
N ALA A 377 -8.11 -15.99 24.02
CA ALA A 377 -7.16 -15.57 23.00
C ALA A 377 -7.85 -14.66 21.99
N LEU A 378 -9.09 -14.93 21.62
CA LEU A 378 -9.80 -14.05 20.69
CA LEU A 378 -9.77 -14.05 20.67
C LEU A 378 -9.86 -12.64 21.24
N LEU A 379 -10.16 -12.52 22.55
CA LEU A 379 -10.25 -11.22 23.18
C LEU A 379 -8.89 -10.51 23.20
N LYS A 380 -7.86 -11.23 23.60
CA LYS A 380 -6.52 -10.65 23.64
C LYS A 380 -6.12 -10.18 22.23
N ALA A 381 -6.32 -11.01 21.22
CA ALA A 381 -6.01 -10.59 19.85
C ALA A 381 -6.84 -9.40 19.36
N THR A 382 -8.08 -9.30 19.80
CA THR A 382 -8.91 -8.18 19.40
C THR A 382 -8.34 -6.91 19.99
N GLN A 383 -7.95 -6.96 21.25
CA GLN A 383 -7.40 -5.81 21.94
C GLN A 383 -6.07 -5.37 21.29
N ILE A 384 -5.21 -6.35 21.02
CA ILE A 384 -3.87 -6.11 20.43
C ILE A 384 -3.90 -5.49 19.03
N PHE A 385 -4.73 -6.06 18.16
CA PHE A 385 -4.69 -5.67 16.74
C PHE A 385 -5.72 -4.66 16.27
N ALA A 386 -6.49 -4.13 17.21
CA ALA A 386 -7.57 -3.17 16.90
C ALA A 386 -6.94 -1.92 16.30
N GLY A 387 -7.62 -1.30 15.36
CA GLY A 387 -7.08 -0.14 14.73
C GLY A 387 -7.94 0.34 13.57
N GLU A 388 -7.62 1.50 13.07
CA GLU A 388 -8.33 2.08 11.96
C GLU A 388 -8.13 1.13 10.75
N SER A 389 -9.16 1.03 9.93
CA SER A 389 -9.16 0.17 8.78
C SER A 389 -7.96 0.54 7.90
N PRO A 390 -7.14 -0.46 7.55
CA PRO A 390 -5.92 -0.13 6.82
C PRO A 390 -6.08 0.28 5.38
N TRP A 391 -5.38 1.34 4.97
CA TRP A 391 -5.44 1.72 3.58
C TRP A 391 -4.18 2.48 3.20
N MSE A 392 -3.97 2.66 1.90
CA MSE A 392 -2.90 3.47 1.42
C MSE A 392 -3.49 4.24 0.25
O MSE A 392 -4.44 3.78 -0.41
CB MSE A 392 -1.69 2.73 0.93
CG MSE A 392 -1.86 1.97 -0.41
SE MSE A 392 -0.17 1.09 -0.81
CE MSE A 392 0.13 0.20 0.78
N ILE A 393 -2.85 5.37 -0.05
CA ILE A 393 -3.29 6.24 -1.17
C ILE A 393 -2.59 5.85 -2.46
N ASP A 394 -1.58 5.05 -2.32
CA ASP A 394 -0.69 4.74 -3.43
C ASP A 394 -0.94 3.38 -4.09
N PHE A 395 -0.62 3.33 -5.34
CA PHE A 395 -0.69 2.13 -6.07
C PHE A 395 0.72 1.90 -6.58
N PHE A 396 1.14 0.64 -6.72
CA PHE A 396 2.46 0.32 -7.28
C PHE A 396 2.39 -1.12 -7.78
C ACT B . 14.12 -0.08 4.54
O ACT B . 14.18 0.04 5.83
OXT ACT B . 14.44 0.94 3.85
CH3 ACT B . 13.69 -1.35 3.85
N1A COA C . -5.37 -16.10 -12.75
C2A COA C . -5.44 -16.87 -11.64
N3A COA C . -4.38 -17.61 -11.24
C4A COA C . -3.23 -17.60 -11.94
C5A COA C . -3.13 -16.82 -13.10
C6A COA C . -4.24 -16.06 -13.50
N6A COA C . -4.25 -15.27 -14.58
N7A COA C . -1.88 -17.03 -13.58
C8A COA C . -1.24 -17.90 -12.76
N9A COA C . -2.08 -18.24 -11.76
C1B COA C . -1.87 -19.15 -10.60
C2B COA C . -1.99 -20.62 -11.01
O2B COA C . -3.36 -21.09 -10.98
C3B COA C . -1.06 -21.31 -10.03
O3B COA C . -1.75 -21.89 -8.91
P3B COA C . -2.08 -23.49 -8.88
O7A COA C . -0.76 -24.13 -8.52
O8A COA C . -3.21 -23.59 -7.85
O9A COA C . -2.52 -23.85 -10.29
C4B COA C . -0.06 -20.25 -9.56
O4B COA C . -0.56 -18.99 -10.02
C5B COA C . 1.34 -20.50 -10.12
O5B COA C . 1.30 -20.35 -11.56
P1A COA C . 2.59 -19.94 -12.46
O1A COA C . 3.80 -19.74 -11.56
O2A COA C . 2.69 -20.96 -13.59
O3A COA C . 2.10 -18.54 -13.11
P2A COA C . 2.53 -17.98 -14.60
O4A COA C . 4.03 -18.29 -14.75
O5A COA C . 1.57 -18.60 -15.62
O6A COA C . 2.26 -16.35 -14.45
CBP COA C . 1.28 -14.05 -15.01
CCP COA C . 1.67 -15.47 -15.45
CDP COA C . 2.29 -13.65 -13.93
CEP COA C . -0.05 -14.18 -14.27
CAP COA C . 1.30 -13.07 -16.27
OAP COA C . 2.50 -12.24 -16.34
C9P COA C . 0.12 -12.13 -16.66
O9P COA C . -0.95 -12.58 -17.33
N8P COA C . 0.11 -10.80 -16.46
C7P COA C . 0.98 -9.82 -15.82
C6P COA C . 0.03 -9.22 -14.80
C5P COA C . 0.28 -9.80 -13.42
O5P COA C . 0.38 -11.01 -13.24
N4P COA C . 0.36 -8.92 -12.40
C3P COA C . 0.56 -9.25 -10.99
C2P COA C . 0.72 -7.92 -10.29
S1P COA C . 2.31 -7.12 -10.74
C1 PEG D . -1.03 2.44 17.91
O1 PEG D . -1.74 3.39 18.68
C2 PEG D . -1.95 1.34 17.43
O2 PEG D . -2.79 1.94 16.45
C3 PEG D . -3.26 1.02 15.45
C4 PEG D . -3.81 1.76 14.24
O4 PEG D . -5.14 2.29 14.41
C1 PEG E . 6.13 -1.71 18.91
O1 PEG E . 6.63 -3.03 19.15
C2 PEG E . 6.78 -0.59 19.73
O2 PEG E . 7.40 0.45 18.98
C3 PEG E . 8.21 0.07 17.85
C4 PEG E . 9.23 -1.02 18.14
O4 PEG E . 10.56 -0.52 17.92
C1 PEG F . 9.18 14.61 -1.57
O1 PEG F . 10.09 13.77 -0.85
C2 PEG F . 9.41 14.37 -3.03
O2 PEG F . 8.71 15.34 -3.81
C3 PEG F . 8.53 14.98 -5.20
C4 PEG F . 9.71 14.26 -5.85
O4 PEG F . 9.63 14.41 -7.28
C1 PEG G . 9.83 -4.65 25.87
O1 PEG G . 10.43 -5.00 24.62
C2 PEG G . 8.83 -3.50 25.67
O2 PEG G . 7.55 -3.98 25.20
C3 PEG G . 6.70 -4.61 26.15
C4 PEG G . 6.20 -5.95 25.65
O4 PEG G . 5.67 -6.73 26.74
#